data_8F9Z
#
_entry.id   8F9Z
#
_cell.length_a   65.196
_cell.length_b   67.592
_cell.length_c   87.907
_cell.angle_alpha   90.00
_cell.angle_beta   90.00
_cell.angle_gamma   90.00
#
_symmetry.space_group_name_H-M   'P 21 21 21'
#
loop_
_entity.id
_entity.type
_entity.pdbx_description
1 polymer 'HIV-1 gp120 core'
2 non-polymer 2-acetamido-2-deoxy-beta-D-glucopyranose
3 non-polymer (5M)-N-{(1S)-2-amino-1-[5-(hydroxymethyl)-1,3-thiazol-2-yl]ethyl}-5-[5-(trifluoromethyl)pyridin-2-yl]-1H-pyrrole-2-carboxamide
4 non-polymer '4-(2-HYDROXYETHYL)-1-PIPERAZINE ETHANESULFONIC ACID'
5 water water
#
_entity_poly.entity_id   1
_entity_poly.type   'polypeptide(L)'
_entity_poly.pdbx_seq_one_letter_code
;VWKDADTTLFCASDAKAHETEVHNVWATHACVPTDPNPQEIHLENVTENFNMWKNNMVEQMQEDVISLWDQSLQPCVKLT
GGSVIKQACPKISFDPIPIHYCTPAGYVILKCNDKNFNGTGPCKNVSSVQCTHGIKPVVSTQLLLNGSLAEEEIIIRSEN
LTNNAKTIIVHLNKSVEINCTRPSNGGSGSGGDIRKAYCEINGTKWNKVLKQVTEKLKEHFNNKTIIFQPPSGGDLEITM
HSFNCRGEFFYCNTTQLFNNTCIGNETMKGCNGTITLPCKIKQIINMWQGTGQAMYAPPIDGKINCVSNITGILLTRDGG
ANNTSNETFRPGGGNIKDNWRSELYKYKVVQIE
;
_entity_poly.pdbx_strand_id   A
#
# COMPACT_ATOMS: atom_id res chain seq x y z
N VAL A 1 -0.03 18.29 -27.66
CA VAL A 1 -0.85 17.27 -28.33
C VAL A 1 -0.23 15.89 -28.07
N TRP A 2 -1.06 14.94 -27.65
CA TRP A 2 -0.59 13.65 -27.17
C TRP A 2 -1.72 12.63 -27.34
N LYS A 3 -1.52 11.43 -26.77
CA LYS A 3 -2.46 10.32 -26.87
C LYS A 3 -2.13 9.29 -25.80
N ASP A 4 -3.17 8.76 -25.16
CA ASP A 4 -2.97 7.71 -24.16
C ASP A 4 -2.23 6.53 -24.78
N ALA A 5 -1.25 6.00 -24.05
CA ALA A 5 -0.45 4.90 -24.56
C ALA A 5 0.25 4.22 -23.39
N ASP A 6 0.65 2.96 -23.62
CA ASP A 6 1.47 2.22 -22.68
C ASP A 6 2.87 2.05 -23.24
N THR A 7 3.86 2.06 -22.35
CA THR A 7 5.24 1.82 -22.73
C THR A 7 5.98 1.41 -21.47
N THR A 8 7.21 0.92 -21.68
CA THR A 8 8.06 0.48 -20.58
C THR A 8 8.73 1.68 -19.94
N LEU A 9 8.43 1.90 -18.67
CA LEU A 9 9.05 2.96 -17.89
C LEU A 9 10.41 2.51 -17.36
N PHE A 10 11.23 3.46 -16.96
CA PHE A 10 12.39 3.13 -16.14
C PHE A 10 12.19 3.73 -14.74
N CYS A 11 13.02 3.29 -13.80
CA CYS A 11 12.95 3.81 -12.44
C CYS A 11 14.18 4.66 -12.14
N ALA A 12 13.98 5.62 -11.26
CA ALA A 12 15.03 6.48 -10.73
C ALA A 12 14.88 6.56 -9.22
N SER A 13 15.99 6.82 -8.52
CA SER A 13 16.00 6.89 -7.08
C SER A 13 17.29 7.52 -6.58
N ASP A 14 17.32 7.79 -5.28
CA ASP A 14 18.52 8.30 -4.59
C ASP A 14 19.22 7.21 -3.79
N ALA A 15 19.17 5.98 -4.26
CA ALA A 15 19.83 4.88 -3.57
C ALA A 15 21.30 5.19 -3.34
N LYS A 16 21.82 4.75 -2.20
CA LYS A 16 23.24 4.90 -1.88
C LYS A 16 23.99 3.63 -2.32
N ALA A 17 25.05 3.82 -3.10
CA ALA A 17 25.82 2.70 -3.61
C ALA A 17 26.52 1.93 -2.50
N HIS A 18 26.82 2.59 -1.38
CA HIS A 18 27.54 1.95 -0.28
C HIS A 18 26.64 1.28 0.74
N GLU A 19 25.33 1.40 0.60
CA GLU A 19 24.41 0.76 1.54
C GLU A 19 24.27 -0.72 1.24
N THR A 20 24.10 -1.53 2.29
CA THR A 20 23.79 -2.94 2.18
C THR A 20 22.29 -3.21 2.24
N GLU A 21 21.49 -2.21 2.61
CA GLU A 21 20.05 -2.37 2.62
C GLU A 21 19.55 -2.76 1.21
N VAL A 22 18.61 -3.72 1.17
CA VAL A 22 18.35 -4.44 -0.06
C VAL A 22 17.63 -3.58 -1.09
N HIS A 23 16.81 -2.62 -0.66
CA HIS A 23 16.18 -1.72 -1.63
C HIS A 23 17.23 -0.84 -2.29
N ASN A 24 18.19 -0.34 -1.50
CA ASN A 24 19.29 0.45 -2.04
C ASN A 24 20.11 -0.35 -3.03
N VAL A 25 20.40 -1.61 -2.70
CA VAL A 25 21.15 -2.48 -3.60
C VAL A 25 20.38 -2.68 -4.90
N TRP A 26 19.10 -3.02 -4.81
CA TRP A 26 18.31 -3.20 -6.01
C TRP A 26 18.31 -1.94 -6.88
N ALA A 27 17.95 -0.81 -6.28
CA ALA A 27 17.84 0.43 -7.04
C ALA A 27 19.19 0.91 -7.58
N THR A 28 20.28 0.52 -6.93
CA THR A 28 21.59 0.92 -7.40
C THR A 28 21.90 0.29 -8.76
N HIS A 29 21.42 -0.93 -9.03
CA HIS A 29 21.70 -1.54 -10.31
C HIS A 29 20.50 -1.60 -11.26
N ALA A 30 19.28 -1.30 -10.79
CA ALA A 30 18.11 -1.38 -11.63
C ALA A 30 17.44 -0.03 -11.87
N CYS A 31 17.96 1.05 -11.31
CA CYS A 31 17.39 2.38 -11.47
C CYS A 31 18.55 3.34 -11.71
N VAL A 32 18.27 4.42 -12.41
CA VAL A 32 19.24 5.48 -12.61
C VAL A 32 19.10 6.51 -11.50
N PRO A 33 20.04 7.44 -11.33
CA PRO A 33 19.87 8.49 -10.34
C PRO A 33 18.77 9.47 -10.74
N THR A 34 18.19 10.12 -9.73
CA THR A 34 17.14 11.07 -10.00
C THR A 34 17.70 12.29 -10.73
N ASP A 35 16.83 12.97 -11.47
CA ASP A 35 17.17 14.22 -12.15
C ASP A 35 17.23 15.34 -11.13
N PRO A 36 18.35 16.07 -11.03
CA PRO A 36 18.41 17.13 -10.01
C PRO A 36 17.41 18.27 -10.22
N ASN A 37 17.04 18.58 -11.47
CA ASN A 37 16.18 19.71 -11.79
C ASN A 37 14.87 19.21 -12.39
N PRO A 38 13.87 18.88 -11.57
CA PRO A 38 12.61 18.36 -12.13
C PRO A 38 11.91 19.41 -12.98
N GLN A 39 11.24 18.92 -14.03
CA GLN A 39 10.56 19.76 -15.02
C GLN A 39 9.09 19.34 -15.06
N GLU A 40 8.26 20.02 -14.26
CA GLU A 40 6.82 19.83 -14.27
C GLU A 40 6.17 21.07 -14.86
N ILE A 41 5.27 20.87 -15.83
CA ILE A 41 4.63 21.98 -16.53
C ILE A 41 3.13 21.85 -16.36
N HIS A 42 2.50 22.93 -15.90
CA HIS A 42 1.03 22.96 -15.85
C HIS A 42 0.47 23.18 -17.24
N LEU A 43 -0.52 22.38 -17.61
CA LEU A 43 -1.13 22.42 -18.94
C LEU A 43 -2.42 23.23 -18.85
N GLU A 44 -2.39 24.44 -19.40
CA GLU A 44 -3.49 25.36 -19.20
C GLU A 44 -4.62 25.07 -20.18
N ASN A 45 -5.86 25.28 -19.71
CA ASN A 45 -7.05 25.08 -20.52
C ASN A 45 -7.17 23.64 -21.00
N VAL A 46 -6.66 22.70 -20.20
CA VAL A 46 -6.53 21.31 -20.60
C VAL A 46 -7.27 20.43 -19.60
N THR A 47 -8.24 19.68 -20.08
CA THR A 47 -8.96 18.68 -19.30
C THR A 47 -8.62 17.29 -19.85
N GLU A 48 -8.42 16.35 -18.95
CA GLU A 48 -8.02 15.00 -19.35
C GLU A 48 -8.69 13.98 -18.45
N ASN A 49 -9.04 12.84 -19.03
CA ASN A 49 -9.69 11.76 -18.30
C ASN A 49 -8.64 10.78 -17.79
N PHE A 50 -8.85 10.30 -16.58
CA PHE A 50 -7.97 9.35 -15.92
C PHE A 50 -8.78 8.11 -15.54
N ASN A 51 -8.09 7.00 -15.32
CA ASN A 51 -8.78 5.82 -14.77
C ASN A 51 -7.75 4.98 -14.03
N MET A 52 -7.68 5.16 -12.71
CA MET A 52 -6.68 4.49 -11.90
C MET A 52 -6.83 2.97 -11.93
N TRP A 53 -8.00 2.46 -12.32
CA TRP A 53 -8.26 1.02 -12.27
C TRP A 53 -7.81 0.31 -13.54
N LYS A 54 -7.43 1.06 -14.57
CA LYS A 54 -6.88 0.52 -15.80
C LYS A 54 -5.65 1.35 -16.12
N ASN A 55 -4.60 1.18 -15.31
CA ASN A 55 -3.40 2.01 -15.40
C ASN A 55 -2.20 1.07 -15.45
N ASN A 56 -1.61 0.92 -16.64
CA ASN A 56 -0.54 -0.05 -16.83
C ASN A 56 0.68 0.27 -15.96
N MET A 57 0.81 1.49 -15.44
CA MET A 57 1.91 1.74 -14.52
C MET A 57 1.82 0.89 -13.28
N VAL A 58 0.59 0.55 -12.87
CA VAL A 58 0.40 -0.33 -11.72
C VAL A 58 1.01 -1.70 -11.96
N GLU A 59 0.73 -2.28 -13.14
CA GLU A 59 1.29 -3.58 -13.51
C GLU A 59 2.81 -3.53 -13.52
N GLN A 60 3.37 -2.42 -13.97
CA GLN A 60 4.82 -2.29 -14.09
C GLN A 60 5.47 -2.19 -12.72
N MET A 61 4.84 -1.45 -11.80
CA MET A 61 5.41 -1.36 -10.46
C MET A 61 5.33 -2.72 -9.75
N GLN A 62 4.25 -3.46 -9.97
CA GLN A 62 4.14 -4.78 -9.37
C GLN A 62 5.27 -5.69 -9.83
N GLU A 63 5.60 -5.62 -11.12
CA GLU A 63 6.71 -6.43 -11.64
C GLU A 63 8.03 -6.02 -10.99
N ASP A 64 8.23 -4.71 -10.75
CA ASP A 64 9.46 -4.26 -10.11
C ASP A 64 9.55 -4.79 -8.68
N VAL A 65 8.46 -4.70 -7.94
CA VAL A 65 8.52 -5.11 -6.54
C VAL A 65 8.70 -6.62 -6.44
N ILE A 66 8.11 -7.38 -7.36
CA ILE A 66 8.32 -8.82 -7.35
C ILE A 66 9.80 -9.14 -7.60
N SER A 67 10.38 -8.47 -8.58
CA SER A 67 11.81 -8.62 -8.87
C SER A 67 12.67 -8.24 -7.67
N LEU A 68 12.36 -7.10 -7.04
CA LEU A 68 13.12 -6.67 -5.87
C LEU A 68 13.09 -7.72 -4.76
N TRP A 69 11.90 -8.24 -4.43
CA TRP A 69 11.81 -9.21 -3.34
C TRP A 69 12.47 -10.52 -3.71
N ASP A 70 12.38 -10.92 -4.98
CA ASP A 70 12.97 -12.19 -5.41
C ASP A 70 14.50 -12.19 -5.33
N GLN A 71 15.17 -11.06 -5.54
CA GLN A 71 16.62 -11.08 -5.39
C GLN A 71 17.10 -10.53 -4.05
N SER A 72 16.19 -10.07 -3.18
CA SER A 72 16.56 -9.51 -1.88
C SER A 72 16.30 -10.44 -0.69
N LEU A 73 15.11 -11.00 -0.58
CA LEU A 73 14.79 -11.84 0.57
C LEU A 73 15.41 -13.21 0.39
N GLN A 74 15.78 -13.82 1.51
CA GLN A 74 16.54 -15.07 1.52
C GLN A 74 15.94 -16.03 2.53
N PRO A 75 14.84 -16.67 2.18
CA PRO A 75 14.28 -17.72 3.06
C PRO A 75 15.18 -18.94 3.06
N CYS A 76 15.18 -19.65 4.20
CA CYS A 76 15.93 -20.90 4.29
C CYS A 76 15.30 -21.99 3.44
N VAL A 77 13.98 -21.96 3.28
CA VAL A 77 13.26 -22.94 2.48
C VAL A 77 12.18 -22.24 1.70
N LYS A 78 12.07 -22.62 0.42
CA LYS A 78 11.05 -22.10 -0.50
C LYS A 78 10.30 -23.31 -1.05
N LEU A 79 8.99 -23.32 -0.89
CA LEU A 79 8.14 -24.40 -1.38
C LEU A 79 7.19 -23.82 -2.42
N THR A 80 7.44 -24.11 -3.68
CA THR A 80 6.70 -23.52 -4.80
C THR A 80 6.52 -24.57 -5.88
N GLY A 81 5.28 -24.73 -6.34
CA GLY A 81 5.00 -25.64 -7.44
C GLY A 81 5.40 -27.08 -7.19
N GLY A 82 5.21 -27.57 -5.96
CA GLY A 82 5.52 -28.93 -5.62
C GLY A 82 6.99 -29.22 -5.41
N SER A 83 7.87 -28.24 -5.59
CA SER A 83 9.30 -28.41 -5.37
C SER A 83 9.73 -27.64 -4.13
N VAL A 84 10.92 -27.98 -3.64
CA VAL A 84 11.44 -27.43 -2.40
C VAL A 84 12.88 -26.98 -2.65
N ILE A 85 13.18 -25.72 -2.36
CA ILE A 85 14.48 -25.12 -2.59
C ILE A 85 15.04 -24.69 -1.23
N LYS A 86 16.17 -25.28 -0.84
CA LYS A 86 16.84 -24.96 0.41
C LYS A 86 18.10 -24.17 0.11
N GLN A 87 18.32 -23.08 0.84
CA GLN A 87 19.47 -22.22 0.60
C GLN A 87 19.83 -21.52 1.90
N ALA A 88 20.97 -20.82 1.88
CA ALA A 88 21.39 -20.01 3.02
C ALA A 88 20.39 -18.87 3.23
N CYS A 89 20.23 -18.46 4.48
CA CYS A 89 19.25 -17.43 4.83
C CYS A 89 19.83 -16.48 5.88
N PRO A 90 20.83 -15.69 5.50
CA PRO A 90 21.33 -14.65 6.40
C PRO A 90 20.24 -13.62 6.68
N LYS A 91 20.38 -12.94 7.82
CA LYS A 91 19.53 -11.80 8.10
C LYS A 91 19.93 -10.65 7.20
N ILE A 92 18.95 -9.88 6.75
CA ILE A 92 19.19 -8.82 5.78
C ILE A 92 18.85 -7.48 6.43
N SER A 93 19.33 -6.41 5.80
CA SER A 93 18.91 -5.05 6.10
C SER A 93 17.79 -4.67 5.13
N PHE A 94 16.66 -4.22 5.66
CA PHE A 94 15.43 -4.07 4.89
C PHE A 94 14.72 -2.80 5.35
N ASP A 95 14.51 -1.86 4.42
CA ASP A 95 13.79 -0.62 4.70
C ASP A 95 13.50 0.12 3.39
N PRO A 96 12.24 0.13 2.94
CA PRO A 96 11.94 0.66 1.60
C PRO A 96 12.41 2.10 1.40
N ILE A 97 12.83 2.39 0.17
CA ILE A 97 13.15 3.77 -0.20
C ILE A 97 12.24 4.19 -1.33
N PRO A 98 12.09 5.50 -1.56
CA PRO A 98 11.22 5.96 -2.64
C PRO A 98 11.78 5.61 -4.02
N ILE A 99 10.91 5.12 -4.89
CA ILE A 99 11.23 4.84 -6.29
C ILE A 99 10.39 5.75 -7.18
N HIS A 100 11.04 6.39 -8.15
CA HIS A 100 10.35 7.24 -9.11
C HIS A 100 10.19 6.52 -10.44
N TYR A 101 9.01 6.62 -11.04
CA TYR A 101 8.76 6.01 -12.33
C TYR A 101 8.77 7.07 -13.42
N CYS A 102 9.49 6.76 -14.52
CA CYS A 102 9.88 7.75 -15.52
C CYS A 102 9.61 7.24 -16.93
N THR A 103 9.20 8.17 -17.84
CA THR A 103 8.91 7.79 -19.22
C THR A 103 10.16 7.91 -20.10
N PRO A 104 10.28 7.05 -21.11
CA PRO A 104 11.33 7.22 -22.12
C PRO A 104 10.95 8.34 -23.10
N ALA A 105 11.85 8.58 -24.05
CA ALA A 105 11.65 9.65 -25.01
C ALA A 105 10.41 9.41 -25.86
N GLY A 106 9.73 10.49 -26.22
CA GLY A 106 8.49 10.40 -26.97
C GLY A 106 7.25 10.16 -26.13
N TYR A 107 7.40 9.96 -24.83
CA TYR A 107 6.28 9.78 -23.92
C TYR A 107 6.41 10.76 -22.77
N VAL A 108 5.30 11.02 -22.09
CA VAL A 108 5.33 11.83 -20.88
C VAL A 108 4.24 11.33 -19.94
N ILE A 109 4.35 11.70 -18.68
CA ILE A 109 3.40 11.37 -17.65
C ILE A 109 2.51 12.59 -17.41
N LEU A 110 1.20 12.37 -17.47
CA LEU A 110 0.24 13.39 -17.07
C LEU A 110 -0.17 13.13 -15.63
N LYS A 111 -0.29 14.20 -14.85
CA LYS A 111 -0.56 14.15 -13.43
C LYS A 111 -1.81 14.97 -13.15
N CYS A 112 -2.77 14.35 -12.47
CA CYS A 112 -4.00 15.04 -12.08
C CYS A 112 -3.76 15.77 -10.76
N ASN A 113 -4.08 17.07 -10.74
CA ASN A 113 -3.88 17.88 -9.56
C ASN A 113 -5.19 18.30 -8.89
N ASP A 114 -6.33 17.82 -9.38
CA ASP A 114 -7.61 18.06 -8.71
C ASP A 114 -7.60 17.34 -7.37
N LYS A 115 -7.78 18.10 -6.28
CA LYS A 115 -7.49 17.57 -4.94
C LYS A 115 -8.56 16.60 -4.43
N ASN A 116 -9.78 16.65 -4.96
CA ASN A 116 -10.80 15.69 -4.60
C ASN A 116 -11.04 14.65 -5.69
N PHE A 117 -10.12 14.52 -6.64
CA PHE A 117 -10.24 13.53 -7.71
C PHE A 117 -10.34 12.12 -7.13
N ASN A 118 -11.38 11.39 -7.53
CA ASN A 118 -11.62 10.06 -6.96
C ASN A 118 -10.92 8.95 -7.71
N GLY A 119 -10.24 9.27 -8.81
CA GLY A 119 -9.45 8.29 -9.53
C GLY A 119 -9.99 7.95 -10.91
N THR A 120 -11.23 8.31 -11.20
CA THR A 120 -11.88 8.03 -12.47
C THR A 120 -12.60 9.27 -12.96
N GLY A 121 -12.41 9.60 -14.23
CA GLY A 121 -13.13 10.69 -14.84
C GLY A 121 -12.24 11.85 -15.20
N PRO A 122 -12.85 12.99 -15.53
CA PRO A 122 -12.07 14.13 -15.99
C PRO A 122 -11.39 14.87 -14.86
N CYS A 123 -10.20 15.39 -15.18
CA CYS A 123 -9.39 16.22 -14.30
C CYS A 123 -9.14 17.54 -15.00
N LYS A 124 -9.44 18.65 -14.32
CA LYS A 124 -9.32 19.96 -14.96
C LYS A 124 -7.98 20.66 -14.70
N ASN A 125 -7.23 20.24 -13.69
CA ASN A 125 -5.93 20.85 -13.35
C ASN A 125 -4.88 19.77 -13.60
N VAL A 126 -4.28 19.80 -14.79
CA VAL A 126 -3.40 18.74 -15.28
C VAL A 126 -2.03 19.33 -15.58
N SER A 127 -0.98 18.65 -15.14
CA SER A 127 0.39 19.02 -15.48
C SER A 127 1.09 17.81 -16.10
N SER A 128 2.21 18.07 -16.78
CA SER A 128 3.05 17.02 -17.34
C SER A 128 4.32 16.92 -16.52
N VAL A 129 4.77 15.69 -16.28
CA VAL A 129 6.00 15.43 -15.54
C VAL A 129 6.78 14.36 -16.29
N GLN A 130 8.09 14.33 -16.03
CA GLN A 130 8.96 13.31 -16.59
C GLN A 130 9.00 12.06 -15.72
N CYS A 131 8.76 12.21 -14.41
CA CYS A 131 8.80 11.13 -13.45
C CYS A 131 7.70 11.35 -12.42
N THR A 132 7.25 10.26 -11.82
CA THR A 132 6.34 10.38 -10.68
C THR A 132 7.09 10.88 -9.45
N HIS A 133 6.35 11.20 -8.39
CA HIS A 133 6.97 11.38 -7.08
C HIS A 133 7.53 10.05 -6.60
N GLY A 134 8.31 10.12 -5.55
CA GLY A 134 8.96 8.95 -5.00
C GLY A 134 8.00 8.09 -4.24
N ILE A 135 7.81 6.85 -4.68
CA ILE A 135 6.84 5.93 -4.10
C ILE A 135 7.61 4.83 -3.39
N LYS A 136 7.32 4.65 -2.10
CA LYS A 136 7.91 3.56 -1.34
C LYS A 136 7.16 2.26 -1.61
N PRO A 137 7.86 1.19 -1.98
CA PRO A 137 7.14 -0.07 -2.29
C PRO A 137 6.82 -0.89 -1.04
N VAL A 138 5.94 -0.35 -0.21
CA VAL A 138 5.56 -1.01 1.03
C VAL A 138 4.51 -2.05 0.75
N VAL A 139 4.80 -3.30 1.12
CA VAL A 139 3.90 -4.42 0.95
C VAL A 139 3.17 -4.62 2.27
N SER A 140 1.86 -4.46 2.26
CA SER A 140 1.06 -4.69 3.46
C SER A 140 -0.35 -5.10 3.08
N THR A 141 -1.08 -5.56 4.08
CA THR A 141 -2.49 -5.83 3.95
C THR A 141 -3.26 -4.97 4.93
N GLN A 142 -4.54 -4.76 4.64
CA GLN A 142 -5.49 -4.03 5.48
C GLN A 142 -5.21 -2.55 5.57
N LEU A 143 -4.03 -2.16 6.06
CA LEU A 143 -3.66 -0.75 6.21
C LEU A 143 -2.60 -0.40 5.19
N LEU A 144 -2.75 0.77 4.57
CA LEU A 144 -1.71 1.33 3.70
C LEU A 144 -0.80 2.20 4.54
N LEU A 145 0.51 1.96 4.41
CA LEU A 145 1.49 2.55 5.29
C LEU A 145 2.48 3.41 4.53
N ASN A 146 2.85 4.54 5.10
CA ASN A 146 3.99 5.31 4.59
C ASN A 146 3.73 5.84 3.18
N GLY A 147 2.46 6.03 2.84
CA GLY A 147 2.08 6.57 1.56
C GLY A 147 1.89 8.07 1.58
N SER A 148 1.28 8.58 0.51
CA SER A 148 0.86 9.98 0.45
C SER A 148 -0.55 10.13 0.99
N LEU A 149 -0.88 11.33 1.44
CA LEU A 149 -2.21 11.64 1.93
C LEU A 149 -3.01 12.41 0.87
N ALA A 150 -4.33 12.20 0.90
CA ALA A 150 -5.24 13.08 0.19
C ALA A 150 -5.08 14.50 0.71
N GLU A 151 -5.16 15.47 -0.19
CA GLU A 151 -4.81 16.85 0.16
C GLU A 151 -5.97 17.65 0.73
N GLU A 152 -7.21 17.28 0.44
CA GLU A 152 -8.36 17.94 1.06
C GLU A 152 -9.16 16.99 1.93
N GLU A 153 -10.18 16.38 1.33
CA GLU A 153 -11.13 15.54 2.05
C GLU A 153 -10.68 14.08 1.99
N ILE A 154 -11.23 13.26 2.89
CA ILE A 154 -11.04 11.81 2.74
C ILE A 154 -11.71 11.37 1.45
N ILE A 155 -11.04 10.49 0.72
CA ILE A 155 -11.49 10.05 -0.59
C ILE A 155 -11.78 8.56 -0.55
N ILE A 156 -12.94 8.16 -1.03
CA ILE A 156 -13.30 6.77 -1.23
C ILE A 156 -13.09 6.44 -2.70
N ARG A 157 -12.27 5.44 -2.98
CA ARG A 157 -11.98 5.01 -4.33
C ARG A 157 -12.44 3.57 -4.53
N SER A 158 -13.09 3.31 -5.66
CA SER A 158 -13.47 1.97 -6.04
C SER A 158 -13.74 1.96 -7.55
N GLU A 159 -13.40 0.84 -8.20
CA GLU A 159 -13.75 0.69 -9.61
C GLU A 159 -15.25 0.64 -9.82
N ASN A 160 -16.00 0.20 -8.81
CA ASN A 160 -17.45 0.14 -8.88
C ASN A 160 -18.01 -0.11 -7.48
N LEU A 161 -18.47 0.95 -6.82
CA LEU A 161 -18.95 0.83 -5.45
C LEU A 161 -20.13 -0.13 -5.34
N THR A 162 -20.96 -0.21 -6.38
CA THR A 162 -22.13 -1.08 -6.35
C THR A 162 -21.76 -2.54 -6.37
N ASN A 163 -20.57 -2.88 -6.87
CA ASN A 163 -20.08 -4.25 -6.95
C ASN A 163 -19.30 -4.53 -5.66
N ASN A 164 -19.88 -5.32 -4.77
CA ASN A 164 -19.27 -5.54 -3.46
C ASN A 164 -17.98 -6.35 -3.55
N ALA A 165 -17.76 -7.08 -4.63
CA ALA A 165 -16.50 -7.79 -4.81
C ALA A 165 -15.33 -6.86 -5.11
N LYS A 166 -15.60 -5.60 -5.45
CA LYS A 166 -14.53 -4.65 -5.75
C LYS A 166 -13.99 -4.03 -4.48
N THR A 167 -12.67 -3.99 -4.34
CA THR A 167 -12.04 -3.44 -3.16
C THR A 167 -12.22 -1.93 -3.09
N ILE A 168 -12.36 -1.42 -1.87
CA ILE A 168 -12.47 0.01 -1.60
C ILE A 168 -11.15 0.48 -1.02
N ILE A 169 -10.59 1.53 -1.60
CA ILE A 169 -9.41 2.21 -1.05
C ILE A 169 -9.89 3.49 -0.38
N VAL A 170 -9.67 3.60 0.92
CA VAL A 170 -9.95 4.81 1.67
C VAL A 170 -8.65 5.59 1.78
N HIS A 171 -8.59 6.75 1.13
CA HIS A 171 -7.40 7.61 1.17
C HIS A 171 -7.61 8.66 2.26
N LEU A 172 -6.80 8.60 3.31
CA LEU A 172 -6.92 9.52 4.42
C LEU A 172 -6.28 10.86 4.10
N ASN A 173 -6.74 11.89 4.81
CA ASN A 173 -6.14 13.21 4.74
C ASN A 173 -5.34 13.58 5.98
N LYS A 174 -5.34 12.74 7.02
CA LYS A 174 -4.46 12.91 8.17
C LYS A 174 -3.87 11.54 8.51
N SER A 175 -2.54 11.45 8.51
CA SER A 175 -1.87 10.21 8.89
C SER A 175 -2.05 9.92 10.37
N VAL A 176 -2.06 8.63 10.71
CA VAL A 176 -2.11 8.17 12.09
C VAL A 176 -0.98 7.18 12.30
N GLU A 177 -0.16 7.42 13.30
CA GLU A 177 1.02 6.59 13.51
C GLU A 177 0.61 5.25 14.11
N ILE A 178 1.25 4.20 13.64
CA ILE A 178 1.14 2.88 14.25
C ILE A 178 2.57 2.47 14.61
N ASN A 179 2.76 2.13 15.86
CA ASN A 179 4.11 1.96 16.42
C ASN A 179 4.21 0.52 16.92
N CYS A 180 4.89 -0.32 16.13
CA CYS A 180 4.96 -1.76 16.39
C CYS A 180 6.33 -2.14 16.94
N THR A 181 6.35 -3.06 17.90
CA THR A 181 7.55 -3.38 18.66
C THR A 181 7.53 -4.85 19.04
N ARG A 182 8.63 -5.56 18.79
CA ARG A 182 8.95 -6.80 19.49
C ARG A 182 9.96 -6.46 20.59
N PRO A 183 9.59 -6.46 21.86
CA PRO A 183 10.50 -5.98 22.91
C PRO A 183 11.70 -6.91 23.12
N SER A 184 12.70 -6.38 23.84
CA SER A 184 13.87 -7.17 24.17
C SER A 184 13.54 -8.25 25.21
N ASN A 185 12.81 -7.87 26.25
CA ASN A 185 12.41 -8.83 27.29
C ASN A 185 10.91 -8.69 27.59
N GLY A 192 11.50 -14.44 27.34
CA GLY A 192 10.11 -14.64 26.99
C GLY A 192 9.90 -15.18 25.59
N ASP A 193 8.73 -14.94 25.03
CA ASP A 193 8.37 -15.40 23.69
C ASP A 193 8.92 -14.42 22.66
N ILE A 194 9.93 -14.84 21.90
CA ILE A 194 10.64 -13.92 21.02
C ILE A 194 9.82 -13.48 19.83
N ARG A 195 8.69 -14.13 19.55
CA ARG A 195 7.85 -13.77 18.43
C ARG A 195 6.66 -12.92 18.83
N LYS A 196 6.50 -12.66 20.12
CA LYS A 196 5.39 -11.85 20.61
C LYS A 196 5.68 -10.37 20.40
N ALA A 197 4.76 -9.67 19.77
CA ALA A 197 4.94 -8.25 19.51
C ALA A 197 3.62 -7.53 19.75
N TYR A 198 3.63 -6.21 19.63
CA TYR A 198 2.43 -5.39 19.78
C TYR A 198 2.60 -4.11 18.98
N CYS A 199 1.47 -3.55 18.54
CA CYS A 199 1.41 -2.26 17.86
C CYS A 199 0.52 -1.34 18.67
N GLU A 200 0.99 -0.11 18.88
CA GLU A 200 0.29 0.91 19.65
C GLU A 200 -0.20 2.00 18.71
N ILE A 201 -1.46 2.38 18.86
CA ILE A 201 -2.06 3.46 18.10
C ILE A 201 -2.78 4.37 19.07
N ASN A 202 -2.63 5.68 18.89
CA ASN A 202 -3.34 6.65 19.70
C ASN A 202 -4.83 6.58 19.39
N GLY A 203 -5.62 6.01 20.31
CA GLY A 203 -7.03 5.81 20.05
C GLY A 203 -7.79 7.10 19.81
N THR A 204 -7.35 8.19 20.44
CA THR A 204 -7.98 9.48 20.22
C THR A 204 -7.93 9.84 18.74
N LYS A 205 -6.72 9.97 18.19
CA LYS A 205 -6.59 10.29 16.77
C LYS A 205 -7.29 9.26 15.89
N TRP A 206 -7.14 7.98 16.22
CA TRP A 206 -7.63 6.96 15.31
C TRP A 206 -9.15 6.95 15.23
N ASN A 207 -9.83 6.91 16.37
CA ASN A 207 -11.30 6.83 16.34
C ASN A 207 -11.89 8.07 15.69
N LYS A 208 -11.24 9.21 15.83
CA LYS A 208 -11.69 10.42 15.13
C LYS A 208 -11.65 10.22 13.63
N VAL A 209 -10.51 9.76 13.11
CA VAL A 209 -10.37 9.49 11.68
C VAL A 209 -11.39 8.44 11.25
N LEU A 210 -11.47 7.35 12.00
CA LEU A 210 -12.41 6.29 11.65
C LEU A 210 -13.83 6.82 11.60
N LYS A 211 -14.20 7.68 12.55
CA LYS A 211 -15.52 8.31 12.53
C LYS A 211 -15.70 9.14 11.26
N GLN A 212 -14.67 9.90 10.87
CA GLN A 212 -14.74 10.65 9.62
C GLN A 212 -14.83 9.71 8.43
N VAL A 213 -14.15 8.58 8.48
CA VAL A 213 -14.25 7.61 7.39
C VAL A 213 -15.68 7.13 7.25
N THR A 214 -16.32 6.80 8.38
CA THR A 214 -17.69 6.30 8.34
C THR A 214 -18.64 7.35 7.78
N GLU A 215 -18.39 8.62 8.12
CA GLU A 215 -19.20 9.71 7.57
C GLU A 215 -19.08 9.76 6.05
N LYS A 216 -17.86 9.56 5.51
CA LYS A 216 -17.71 9.56 4.06
C LYS A 216 -18.47 8.40 3.44
N LEU A 217 -18.36 7.22 4.04
CA LEU A 217 -19.04 6.05 3.50
C LEU A 217 -20.55 6.26 3.45
N LYS A 218 -21.12 6.93 4.46
CA LYS A 218 -22.54 7.24 4.43
C LYS A 218 -22.91 8.05 3.19
N GLU A 219 -22.04 8.97 2.78
CA GLU A 219 -22.37 9.84 1.65
C GLU A 219 -22.48 9.05 0.35
N HIS A 220 -21.73 7.96 0.21
CA HIS A 220 -21.81 7.13 -0.98
C HIS A 220 -22.85 6.03 -0.89
N PHE A 221 -23.31 5.68 0.30
CA PHE A 221 -24.24 4.57 0.50
C PHE A 221 -25.56 5.05 1.08
N ASN A 222 -25.96 6.26 0.72
CA ASN A 222 -27.32 6.74 0.96
C ASN A 222 -27.67 6.76 2.45
N ASN A 223 -26.68 7.06 3.30
CA ASN A 223 -26.85 7.29 4.73
C ASN A 223 -27.25 6.04 5.50
N LYS A 224 -27.05 4.86 4.93
CA LYS A 224 -27.26 3.63 5.67
C LYS A 224 -26.30 3.57 6.87
N THR A 225 -26.60 2.67 7.79
CA THR A 225 -25.73 2.43 8.94
C THR A 225 -24.44 1.73 8.51
N ILE A 226 -23.30 2.28 8.91
CA ILE A 226 -21.98 1.75 8.58
C ILE A 226 -21.47 0.94 9.76
N ILE A 227 -21.21 -0.35 9.52
CA ILE A 227 -20.70 -1.26 10.54
C ILE A 227 -19.41 -1.87 10.05
N PHE A 228 -18.42 -1.98 10.94
CA PHE A 228 -17.19 -2.70 10.66
C PHE A 228 -17.22 -4.06 11.34
N GLN A 229 -16.69 -5.06 10.63
CA GLN A 229 -16.59 -6.42 11.11
C GLN A 229 -15.20 -6.96 10.80
N PRO A 230 -14.69 -7.88 11.60
CA PRO A 230 -13.39 -8.49 11.29
C PRO A 230 -13.47 -9.27 9.99
N PRO A 231 -12.34 -9.54 9.35
CA PRO A 231 -12.36 -10.35 8.13
C PRO A 231 -13.05 -11.68 8.38
N SER A 232 -13.83 -12.12 7.39
CA SER A 232 -14.64 -13.32 7.56
C SER A 232 -13.75 -14.53 7.79
N GLY A 233 -12.85 -14.80 6.85
CA GLY A 233 -11.90 -15.86 6.99
C GLY A 233 -10.80 -15.69 5.97
N GLY A 234 -10.03 -16.75 5.80
CA GLY A 234 -8.92 -16.78 4.87
C GLY A 234 -7.60 -17.02 5.59
N ASP A 235 -6.52 -16.77 4.87
CA ASP A 235 -5.21 -17.02 5.47
C ASP A 235 -4.80 -15.83 6.30
N LEU A 236 -3.81 -16.07 7.16
CA LEU A 236 -3.43 -15.08 8.16
C LEU A 236 -2.96 -13.77 7.53
N GLU A 237 -2.35 -13.83 6.34
CA GLU A 237 -1.88 -12.62 5.71
C GLU A 237 -3.04 -11.69 5.38
N ILE A 238 -4.26 -12.23 5.35
CA ILE A 238 -5.45 -11.47 4.97
C ILE A 238 -6.32 -11.15 6.19
N THR A 239 -6.44 -12.08 7.14
CA THR A 239 -7.22 -11.82 8.33
C THR A 239 -6.50 -10.89 9.29
N MET A 240 -5.18 -10.74 9.13
CA MET A 240 -4.38 -9.85 9.93
C MET A 240 -3.80 -8.72 9.08
N HIS A 241 -3.44 -7.63 9.75
CA HIS A 241 -2.57 -6.61 9.15
C HIS A 241 -1.15 -7.17 9.11
N SER A 242 -0.69 -7.53 7.92
CA SER A 242 0.64 -8.10 7.74
C SER A 242 1.53 -7.10 7.03
N PHE A 243 2.76 -6.98 7.50
CA PHE A 243 3.75 -6.08 6.91
C PHE A 243 5.11 -6.66 7.28
N ASN A 244 6.16 -6.04 6.71
CA ASN A 244 7.53 -6.43 7.01
C ASN A 244 8.25 -5.28 7.68
N CYS A 245 8.82 -5.54 8.84
CA CYS A 245 9.51 -4.56 9.66
C CYS A 245 10.93 -5.06 9.90
N ARG A 246 11.91 -4.34 9.35
CA ARG A 246 13.31 -4.68 9.56
C ARG A 246 13.66 -6.08 9.04
N GLY A 247 12.89 -6.59 8.08
CA GLY A 247 13.10 -7.93 7.55
C GLY A 247 12.22 -9.01 8.17
N GLU A 248 11.59 -8.74 9.29
CA GLU A 248 10.73 -9.71 9.97
C GLU A 248 9.28 -9.54 9.51
N PHE A 249 8.57 -10.66 9.41
CA PHE A 249 7.18 -10.65 8.94
C PHE A 249 6.24 -10.56 10.14
N PHE A 250 5.57 -9.41 10.29
CA PHE A 250 4.65 -9.14 11.38
C PHE A 250 3.21 -9.42 10.96
N TYR A 251 2.43 -9.96 11.89
CA TYR A 251 1.01 -10.24 11.70
C TYR A 251 0.29 -9.68 12.93
N CYS A 252 -0.51 -8.63 12.72
CA CYS A 252 -1.18 -7.94 13.82
C CYS A 252 -2.70 -8.05 13.71
N ASN A 253 -3.34 -8.28 14.84
CA ASN A 253 -4.78 -8.44 14.93
C ASN A 253 -5.42 -7.06 15.05
N THR A 254 -6.22 -6.70 14.07
CA THR A 254 -6.78 -5.35 14.00
C THR A 254 -8.20 -5.27 14.55
N THR A 255 -8.67 -6.28 15.28
CA THR A 255 -10.04 -6.25 15.80
C THR A 255 -10.31 -4.95 16.57
N GLN A 256 -9.38 -4.56 17.46
CA GLN A 256 -9.63 -3.35 18.25
C GLN A 256 -9.49 -2.06 17.45
N LEU A 257 -8.95 -2.11 16.24
CA LEU A 257 -8.86 -0.91 15.43
C LEU A 257 -10.19 -0.53 14.80
N PHE A 258 -11.09 -1.49 14.62
CA PHE A 258 -12.39 -1.23 14.01
C PHE A 258 -13.47 -1.57 15.01
N ASN A 259 -13.40 -0.94 16.18
CA ASN A 259 -14.37 -1.12 17.27
C ASN A 259 -15.56 -0.22 16.99
N ASN A 260 -16.71 -0.83 16.66
CA ASN A 260 -17.88 -0.04 16.31
C ASN A 260 -18.33 0.85 17.48
N THR A 261 -18.08 0.43 18.71
CA THR A 261 -18.63 1.20 19.84
C THR A 261 -18.01 2.59 19.93
N CYS A 262 -16.76 2.75 19.51
CA CYS A 262 -16.07 4.04 19.63
C CYS A 262 -16.34 4.96 18.45
N ILE A 263 -17.52 4.80 17.85
CA ILE A 263 -17.91 5.59 16.67
C ILE A 263 -19.12 6.42 17.04
N ASN A 272 -10.34 6.28 23.80
CA ASN A 272 -9.52 7.48 23.81
C ASN A 272 -8.06 7.18 24.20
N GLY A 273 -7.87 6.10 24.96
CA GLY A 273 -6.54 5.71 25.38
C GLY A 273 -5.79 5.03 24.25
N THR A 274 -4.59 4.55 24.60
CA THR A 274 -3.76 3.84 23.64
C THR A 274 -4.40 2.51 23.27
N ILE A 275 -4.55 2.26 21.98
CA ILE A 275 -5.00 0.97 21.49
C ILE A 275 -3.78 0.09 21.27
N THR A 276 -3.79 -1.10 21.88
CA THR A 276 -2.68 -2.04 21.75
C THR A 276 -3.16 -3.26 20.98
N LEU A 277 -2.56 -3.52 19.80
CA LEU A 277 -2.90 -4.65 18.97
C LEU A 277 -1.93 -5.79 19.26
N PRO A 278 -2.40 -7.01 19.50
CA PRO A 278 -1.45 -8.14 19.65
C PRO A 278 -0.92 -8.55 18.31
N CYS A 279 0.39 -8.79 18.25
CA CYS A 279 1.06 -9.16 17.02
C CYS A 279 1.94 -10.39 17.24
N LYS A 280 2.29 -11.04 16.13
CA LYS A 280 3.32 -12.06 16.15
C LYS A 280 4.20 -11.91 14.92
N ILE A 281 5.47 -12.15 15.10
CA ILE A 281 6.37 -12.37 13.98
C ILE A 281 6.26 -13.82 13.58
N LYS A 282 6.12 -14.08 12.28
CA LYS A 282 6.04 -15.44 11.77
C LYS A 282 7.22 -15.75 10.86
N GLN A 283 7.79 -16.93 11.04
CA GLN A 283 8.85 -17.44 10.19
C GLN A 283 8.31 -18.14 8.93
N ILE A 284 7.14 -18.74 9.01
CA ILE A 284 6.54 -19.44 7.90
C ILE A 284 5.43 -18.57 7.36
N ILE A 285 5.52 -18.19 6.09
CA ILE A 285 4.56 -17.27 5.50
C ILE A 285 4.07 -17.80 4.16
N ASN A 286 2.89 -17.36 3.75
CA ASN A 286 2.45 -17.47 2.37
C ASN A 286 2.96 -16.26 1.61
N MET A 287 3.60 -16.52 0.48
CA MET A 287 4.24 -15.44 -0.28
C MET A 287 3.16 -14.61 -0.97
N TRP A 288 3.22 -13.29 -0.77
CA TRP A 288 2.25 -12.41 -1.43
C TRP A 288 2.37 -12.47 -2.94
N GLN A 289 3.53 -12.83 -3.47
CA GLN A 289 3.66 -13.01 -4.91
C GLN A 289 2.78 -14.13 -5.44
N GLY A 290 2.11 -14.88 -4.56
CA GLY A 290 1.23 -15.96 -4.97
C GLY A 290 1.91 -17.27 -5.30
N THR A 291 3.22 -17.36 -5.10
CA THR A 291 4.00 -18.50 -5.58
C THR A 291 4.12 -19.65 -4.59
N GLY A 292 3.60 -19.52 -3.37
CA GLY A 292 3.70 -20.58 -2.41
C GLY A 292 4.10 -20.16 -1.00
N GLN A 293 4.86 -21.02 -0.31
CA GLN A 293 5.17 -20.85 1.10
C GLN A 293 6.67 -20.70 1.28
N ALA A 294 7.06 -19.94 2.29
CA ALA A 294 8.47 -19.71 2.58
C ALA A 294 8.73 -19.68 4.08
N MET A 295 9.90 -20.18 4.48
CA MET A 295 10.31 -20.21 5.87
C MET A 295 11.59 -19.41 6.07
N TYR A 296 11.59 -18.51 7.04
CA TYR A 296 12.71 -17.67 7.37
C TYR A 296 13.26 -18.01 8.74
N ALA A 297 14.46 -17.51 9.01
CA ALA A 297 15.12 -17.81 10.28
C ALA A 297 14.44 -17.04 11.42
N PRO A 298 14.68 -17.45 12.66
CA PRO A 298 14.06 -16.74 13.79
C PRO A 298 14.46 -15.28 13.80
N PRO A 299 13.72 -14.45 14.53
CA PRO A 299 13.99 -13.00 14.49
C PRO A 299 15.29 -12.63 15.17
N ILE A 300 15.81 -11.47 14.76
CA ILE A 300 17.05 -10.94 15.31
C ILE A 300 16.87 -10.61 16.78
N ASP A 301 18.00 -10.46 17.46
CA ASP A 301 18.02 -10.12 18.88
C ASP A 301 17.65 -8.66 19.10
N GLY A 302 17.08 -8.39 20.26
CA GLY A 302 16.91 -7.03 20.72
C GLY A 302 15.56 -6.41 20.38
N LYS A 303 15.56 -5.08 20.43
CA LYS A 303 14.35 -4.32 20.21
C LYS A 303 14.12 -4.14 18.72
N ILE A 304 13.04 -4.72 18.21
CA ILE A 304 12.63 -4.57 16.81
C ILE A 304 11.43 -3.63 16.79
N ASN A 305 11.58 -2.48 16.13
CA ASN A 305 10.59 -1.41 16.21
C ASN A 305 10.41 -0.76 14.85
N CYS A 306 9.15 -0.54 14.47
CA CYS A 306 8.80 0.19 13.25
C CYS A 306 7.67 1.16 13.59
N VAL A 307 7.88 2.44 13.32
CA VAL A 307 6.84 3.45 13.43
C VAL A 307 6.46 3.87 12.02
N SER A 308 5.21 3.60 11.64
CA SER A 308 4.70 3.86 10.32
C SER A 308 3.50 4.80 10.41
N ASN A 309 3.24 5.50 9.32
CA ASN A 309 2.06 6.34 9.19
C ASN A 309 1.00 5.59 8.42
N ILE A 310 -0.16 5.38 9.04
CA ILE A 310 -1.32 4.87 8.31
C ILE A 310 -1.84 5.99 7.42
N THR A 311 -1.85 5.75 6.11
CA THR A 311 -2.34 6.75 5.16
C THR A 311 -3.54 6.29 4.36
N GLY A 312 -3.93 5.03 4.46
CA GLY A 312 -5.11 4.54 3.79
C GLY A 312 -5.58 3.24 4.40
N ILE A 313 -6.78 2.84 3.99
CA ILE A 313 -7.41 1.62 4.48
C ILE A 313 -8.01 0.89 3.29
N LEU A 314 -7.83 -0.43 3.27
CA LEU A 314 -8.45 -1.29 2.27
C LEU A 314 -9.66 -1.96 2.90
N LEU A 315 -10.82 -1.84 2.23
CA LEU A 315 -12.07 -2.37 2.74
C LEU A 315 -12.77 -3.18 1.68
N THR A 316 -13.49 -4.23 2.12
CA THR A 316 -14.40 -4.97 1.28
C THR A 316 -15.79 -4.91 1.91
N ARG A 317 -16.79 -4.60 1.11
CA ARG A 317 -18.16 -4.49 1.60
C ARG A 317 -18.87 -5.84 1.51
N ASP A 318 -19.65 -6.15 2.55
CA ASP A 318 -20.45 -7.38 2.53
C ASP A 318 -21.55 -7.28 1.48
N GLY A 319 -21.77 -8.38 0.76
CA GLY A 319 -22.85 -8.45 -0.20
C GLY A 319 -24.14 -8.98 0.41
N GLY A 320 -25.20 -8.92 -0.38
CA GLY A 320 -26.42 -9.51 0.11
C GLY A 320 -27.18 -8.68 1.14
N ALA A 321 -26.78 -7.43 1.38
CA ALA A 321 -27.37 -6.63 2.44
C ALA A 321 -28.30 -5.54 1.91
N ASN A 322 -28.61 -5.56 0.61
CA ASN A 322 -29.59 -4.61 0.07
C ASN A 322 -30.89 -4.67 0.85
N ASN A 323 -31.27 -5.88 1.30
CA ASN A 323 -32.50 -6.08 2.02
C ASN A 323 -32.55 -5.32 3.34
N THR A 324 -31.39 -4.95 3.89
CA THR A 324 -31.32 -4.36 5.21
C THR A 324 -31.08 -2.85 5.11
N SER A 325 -30.92 -2.22 6.28
CA SER A 325 -30.68 -0.79 6.36
C SER A 325 -29.24 -0.45 6.77
N ASN A 326 -28.33 -1.41 6.66
CA ASN A 326 -26.95 -1.19 7.06
C ASN A 326 -26.00 -1.75 6.00
N GLU A 327 -24.78 -1.21 6.03
CA GLU A 327 -23.69 -1.71 5.19
C GLU A 327 -22.54 -2.10 6.10
N THR A 328 -21.98 -3.29 5.87
CA THR A 328 -20.92 -3.86 6.69
C THR A 328 -19.63 -3.92 5.90
N PHE A 329 -18.53 -3.46 6.50
CA PHE A 329 -17.23 -3.38 5.85
C PHE A 329 -16.21 -4.18 6.67
N ARG A 330 -15.35 -4.89 5.96
CA ARG A 330 -14.31 -5.70 6.58
C ARG A 330 -12.94 -5.27 6.06
N PRO A 331 -11.95 -5.16 6.93
CA PRO A 331 -10.60 -4.81 6.48
C PRO A 331 -10.16 -5.79 5.40
N GLY A 332 -9.62 -5.24 4.32
CA GLY A 332 -9.38 -6.03 3.13
C GLY A 332 -7.94 -6.05 2.70
N GLY A 333 -7.69 -6.34 1.42
CA GLY A 333 -6.35 -6.37 0.86
C GLY A 333 -5.97 -7.76 0.38
N GLY A 334 -4.70 -7.90 0.02
CA GLY A 334 -4.20 -9.15 -0.51
C GLY A 334 -3.72 -9.01 -1.93
N ASN A 335 -4.49 -8.29 -2.75
CA ASN A 335 -4.02 -7.87 -4.07
C ASN A 335 -3.12 -6.66 -3.84
N ILE A 336 -1.83 -6.92 -3.75
CA ILE A 336 -0.84 -5.88 -3.46
C ILE A 336 -0.82 -4.82 -4.54
N LYS A 337 -1.34 -5.13 -5.73
CA LYS A 337 -1.45 -4.11 -6.77
C LYS A 337 -2.27 -2.92 -6.30
N ASP A 338 -3.24 -3.14 -5.43
CA ASP A 338 -4.01 -2.03 -4.91
C ASP A 338 -3.16 -1.08 -4.08
N ASN A 339 -2.09 -1.59 -3.45
CA ASN A 339 -1.13 -0.71 -2.78
C ASN A 339 -0.50 0.26 -3.77
N TRP A 340 -0.08 -0.23 -4.94
CA TRP A 340 0.54 0.68 -5.90
C TRP A 340 -0.49 1.61 -6.53
N ARG A 341 -1.70 1.10 -6.73
CA ARG A 341 -2.79 1.92 -7.27
C ARG A 341 -3.07 3.13 -6.40
N SER A 342 -2.93 2.98 -5.08
CA SER A 342 -3.23 4.06 -4.16
C SER A 342 -2.26 5.23 -4.29
N GLU A 343 -1.09 5.00 -4.87
CA GLU A 343 -0.12 6.06 -5.10
C GLU A 343 -0.06 6.50 -6.55
N LEU A 344 -0.44 5.64 -7.49
CA LEU A 344 -0.33 5.93 -8.91
C LEU A 344 -1.62 6.43 -9.51
N TYR A 345 -2.67 6.57 -8.70
CA TYR A 345 -3.98 6.90 -9.23
C TYR A 345 -4.01 8.21 -10.00
N LYS A 346 -3.10 9.11 -9.68
CA LYS A 346 -3.14 10.44 -10.28
C LYS A 346 -2.26 10.58 -11.52
N TYR A 347 -1.63 9.50 -11.98
CA TYR A 347 -0.74 9.57 -13.13
C TYR A 347 -1.25 8.72 -14.28
N LYS A 348 -0.90 9.13 -15.50
CA LYS A 348 -1.07 8.28 -16.66
C LYS A 348 -0.03 8.61 -17.69
N VAL A 349 0.31 7.61 -18.47
CA VAL A 349 1.31 7.75 -19.54
C VAL A 349 0.59 8.11 -20.84
N VAL A 350 1.16 9.08 -21.58
CA VAL A 350 0.66 9.43 -22.90
C VAL A 350 1.85 9.50 -23.85
N GLN A 351 1.58 9.28 -25.13
CA GLN A 351 2.58 9.42 -26.18
C GLN A 351 2.41 10.77 -26.86
N ILE A 352 3.50 11.50 -27.01
CA ILE A 352 3.44 12.83 -27.62
C ILE A 352 3.28 12.66 -29.12
N GLU A 353 2.43 13.50 -29.72
CA GLU A 353 2.23 13.49 -31.17
C GLU A 353 2.66 14.83 -31.76
#